data_4P7I
#
_entry.id   4P7I
#
_cell.length_a   97.104
_cell.length_b   97.104
_cell.length_c   224.339
_cell.angle_alpha   90.000
_cell.angle_beta   90.000
_cell.angle_gamma   120.000
#
_symmetry.space_group_name_H-M   'P 31 2 1'
#
loop_
_entity.id
_entity.type
_entity.pdbx_description
1 polymer Merlin
2 polymer 'Protein VPRBP'
3 non-polymer GLYCEROL
4 water water
#
loop_
_entity_poly.entity_id
_entity_poly.type
_entity_poly.pdbx_seq_one_letter_code
_entity_poly.pdbx_strand_id
1 'polypeptide(L)'
;GPGSMAGAIASRMSFSSLKRKQPKTFTVRIVTMDAEMEFNCEMKWKGKDLFDLVCRTLGLRETWFFGLQYTIKDTVAWLK
MDKKVLDHDVSKEEPVTFHFLAKFYPENAEEELVQEITQHLFFLQVKKQILDEKVYCPPEASVLLASYAVQAKYGDYDPS
VHKRGFLAQEELLPKRVINLYQMTPEMWEERITAWYAEHRGRARDEAEMEYLKIAQDLEMYGVNYFTIRNKKGTELLLGV
DALGLHIYDPENRLTPKISFPWNEIRNISYSDKEFTIKPLDKKIDVFKFNSSKLRVNKLILQLCIGNHDLFMRRRKA
;
A,B
2 'polypeptide(L)' GPGSEFGEDGDNDFSPSDEELANLLEEGEDGEDEDSDADEEVELILGDTDSSDNSDLEDDIILSLNE C,D
#
# COMPACT_ATOMS: atom_id res chain seq x y z
N PRO A 23 39.32 -36.41 -6.35
CA PRO A 23 38.17 -35.54 -6.11
C PRO A 23 38.46 -34.09 -6.52
N LYS A 24 37.99 -33.71 -7.71
CA LYS A 24 38.22 -32.35 -8.22
C LYS A 24 37.20 -31.38 -7.61
N THR A 25 36.18 -31.94 -6.95
CA THR A 25 35.15 -31.13 -6.31
C THR A 25 34.82 -31.60 -4.90
N PHE A 26 34.15 -30.73 -4.15
CA PHE A 26 33.53 -31.11 -2.88
C PHE A 26 32.06 -30.74 -2.91
N THR A 27 31.26 -31.45 -2.13
CA THR A 27 29.82 -31.23 -2.14
C THR A 27 29.42 -30.03 -1.27
N VAL A 28 28.65 -29.12 -1.84
CA VAL A 28 28.11 -27.98 -1.10
C VAL A 28 26.60 -28.07 -1.04
N ARG A 29 26.06 -27.95 0.17
CA ARG A 29 24.62 -27.95 0.39
C ARG A 29 24.12 -26.52 0.52
N ILE A 30 23.21 -26.12 -0.37
CA ILE A 30 22.64 -24.77 -0.31
C ILE A 30 21.22 -24.83 0.23
N VAL A 31 20.95 -24.07 1.28
CA VAL A 31 19.61 -24.01 1.87
C VAL A 31 18.99 -22.64 1.59
N THR A 32 17.81 -22.65 0.97
CA THR A 32 17.01 -21.44 0.84
C THR A 32 15.84 -21.55 1.80
N MET A 33 15.07 -20.47 1.92
CA MET A 33 13.86 -20.50 2.75
C MET A 33 12.84 -21.49 2.17
N ASP A 34 13.06 -21.87 0.91
CA ASP A 34 12.13 -22.70 0.16
C ASP A 34 12.55 -24.16 0.17
N ALA A 35 13.81 -24.41 -0.13
CA ALA A 35 14.30 -25.77 -0.27
C ALA A 35 15.80 -25.90 -0.09
N GLU A 36 16.28 -27.14 -0.08
CA GLU A 36 17.72 -27.40 -0.04
C GLU A 36 18.12 -28.07 -1.36
N MET A 37 19.34 -27.79 -1.81
CA MET A 37 19.85 -28.41 -3.03
C MET A 37 21.36 -28.60 -2.88
N GLU A 38 21.95 -29.39 -3.76
CA GLU A 38 23.39 -29.63 -3.68
C GLU A 38 24.15 -29.33 -4.97
N PHE A 39 25.41 -28.95 -4.84
CA PHE A 39 26.26 -28.70 -6.00
C PHE A 39 27.64 -29.33 -5.82
N ASN A 40 28.38 -29.42 -6.91
CA ASN A 40 29.79 -29.77 -6.84
C ASN A 40 30.58 -28.48 -6.95
N CYS A 41 31.24 -28.12 -5.86
CA CYS A 41 32.08 -26.92 -5.85
C CYS A 41 33.49 -27.32 -6.24
N GLU A 42 34.06 -26.63 -7.22
CA GLU A 42 35.45 -26.85 -7.57
C GLU A 42 36.33 -26.42 -6.39
N MET A 43 37.41 -27.17 -6.16
CA MET A 43 38.24 -26.99 -4.97
C MET A 43 38.81 -25.58 -4.84
N LYS A 44 39.00 -24.91 -5.97
CA LYS A 44 39.55 -23.55 -5.94
C LYS A 44 38.53 -22.49 -6.37
N TRP A 45 37.25 -22.82 -6.28
CA TRP A 45 36.19 -21.85 -6.55
C TRP A 45 36.14 -20.77 -5.46
N LYS A 46 35.96 -19.52 -5.89
CA LYS A 46 35.80 -18.43 -4.94
C LYS A 46 34.32 -18.23 -4.63
N GLY A 47 34.02 -17.25 -3.78
CA GLY A 47 32.65 -16.96 -3.40
C GLY A 47 31.74 -16.67 -4.59
N LYS A 48 32.23 -15.83 -5.51
CA LYS A 48 31.43 -15.44 -6.67
C LYS A 48 31.07 -16.61 -7.58
N ASP A 49 31.95 -17.61 -7.66
CA ASP A 49 31.70 -18.78 -8.49
C ASP A 49 30.51 -19.58 -7.97
N LEU A 50 30.56 -19.98 -6.70
CA LEU A 50 29.46 -20.70 -6.07
C LEU A 50 28.16 -19.90 -6.11
N PHE A 51 28.28 -18.62 -5.77
CA PHE A 51 27.13 -17.71 -5.71
C PHE A 51 26.46 -17.58 -7.08
N ASP A 52 27.25 -17.33 -8.12
CA ASP A 52 26.69 -17.20 -9.47
C ASP A 52 25.99 -18.49 -9.90
N LEU A 53 26.53 -19.63 -9.49
CA LEU A 53 25.91 -20.91 -9.82
C LEU A 53 24.56 -21.08 -9.13
N VAL A 54 24.51 -20.71 -7.85
CA VAL A 54 23.27 -20.81 -7.08
C VAL A 54 22.19 -19.89 -7.66
N CYS A 55 22.59 -18.70 -8.10
CA CYS A 55 21.65 -17.74 -8.67
C CYS A 55 21.10 -18.14 -10.04
N ARG A 56 21.95 -18.66 -10.92
CA ARG A 56 21.48 -19.13 -12.23
C ARG A 56 20.47 -20.26 -12.07
N THR A 57 20.79 -21.20 -11.19
CA THR A 57 19.93 -22.35 -10.91
C THR A 57 18.53 -21.94 -10.44
N LEU A 58 18.46 -20.83 -9.71
CA LEU A 58 17.18 -20.37 -9.16
C LEU A 58 16.40 -19.50 -10.14
N GLY A 59 17.07 -18.98 -11.16
CA GLY A 59 16.45 -18.05 -12.10
C GLY A 59 16.46 -16.64 -11.54
N LEU A 60 17.32 -16.42 -10.56
CA LEU A 60 17.40 -15.14 -9.86
C LEU A 60 18.40 -14.17 -10.51
N ARG A 61 17.89 -13.08 -11.07
CA ARG A 61 18.73 -12.05 -11.68
C ARG A 61 18.99 -10.87 -10.75
N GLU A 62 18.10 -10.65 -9.79
CA GLU A 62 18.26 -9.56 -8.81
C GLU A 62 19.15 -10.01 -7.64
N THR A 63 20.43 -10.21 -7.94
CA THR A 63 21.35 -10.88 -7.01
C THR A 63 21.92 -9.99 -5.91
N TRP A 64 21.85 -8.68 -6.09
CA TRP A 64 22.45 -7.72 -5.16
C TRP A 64 21.88 -7.78 -3.74
N PHE A 65 20.66 -8.31 -3.60
CA PHE A 65 20.02 -8.41 -2.30
C PHE A 65 20.55 -9.58 -1.47
N PHE A 66 21.08 -10.60 -2.15
CA PHE A 66 21.33 -11.89 -1.52
C PHE A 66 22.79 -12.20 -1.25
N GLY A 67 23.02 -13.15 -0.34
CA GLY A 67 24.35 -13.65 -0.06
C GLY A 67 24.27 -15.10 0.38
N LEU A 68 25.42 -15.71 0.66
CA LEU A 68 25.47 -17.07 1.18
C LEU A 68 25.98 -17.01 2.62
N GLN A 69 25.18 -17.51 3.55
CA GLN A 69 25.45 -17.31 4.97
C GLN A 69 25.74 -18.61 5.70
N TYR A 70 26.60 -18.53 6.73
CA TYR A 70 26.86 -19.64 7.63
C TYR A 70 27.17 -19.06 9.00
N THR A 71 26.79 -19.77 10.05
CA THR A 71 27.03 -19.29 11.41
C THR A 71 28.14 -20.09 12.08
N ILE A 72 29.14 -19.38 12.60
CA ILE A 72 30.18 -20.02 13.40
C ILE A 72 30.41 -19.20 14.67
N LYS A 73 30.44 -19.89 15.82
CA LYS A 73 30.49 -19.24 17.12
C LYS A 73 29.43 -18.16 17.27
N ASP A 74 28.25 -18.45 16.75
CA ASP A 74 27.05 -17.62 16.90
C ASP A 74 27.14 -16.22 16.29
N THR A 75 28.18 -15.97 15.50
CA THR A 75 28.22 -14.76 14.69
C THR A 75 28.04 -15.10 13.22
N VAL A 76 27.13 -14.37 12.56
CA VAL A 76 26.83 -14.60 11.15
C VAL A 76 27.98 -14.15 10.26
N ALA A 77 28.32 -14.97 9.28
CA ALA A 77 29.33 -14.62 8.29
C ALA A 77 28.77 -14.76 6.88
N TRP A 78 29.22 -13.92 5.96
CA TRP A 78 28.80 -14.01 4.57
C TRP A 78 29.97 -14.42 3.70
N LEU A 79 29.71 -15.31 2.75
CA LEU A 79 30.72 -15.76 1.81
C LEU A 79 31.25 -14.56 1.02
N LYS A 80 32.54 -14.27 1.21
CA LYS A 80 33.20 -13.20 0.47
C LYS A 80 33.40 -13.62 -0.99
N MET A 81 32.96 -12.76 -1.90
CA MET A 81 32.96 -13.06 -3.33
C MET A 81 34.33 -13.42 -3.91
N ASP A 82 35.39 -12.77 -3.43
CA ASP A 82 36.71 -12.93 -4.05
C ASP A 82 37.70 -13.74 -3.19
N LYS A 83 37.18 -14.51 -2.24
CA LYS A 83 37.99 -15.43 -1.45
C LYS A 83 37.55 -16.86 -1.72
N LYS A 84 38.49 -17.81 -1.73
CA LYS A 84 38.15 -19.22 -1.94
C LYS A 84 37.19 -19.70 -0.87
N VAL A 85 36.18 -20.48 -1.30
CA VAL A 85 35.16 -21.01 -0.41
C VAL A 85 35.80 -21.81 0.74
N LEU A 86 36.82 -22.60 0.42
CA LEU A 86 37.50 -23.43 1.42
C LEU A 86 38.47 -22.66 2.31
N ASP A 87 38.70 -21.38 2.02
CA ASP A 87 39.51 -20.55 2.90
C ASP A 87 38.66 -20.02 4.04
N HIS A 88 37.36 -19.92 3.80
CA HIS A 88 36.42 -19.52 4.83
C HIS A 88 36.40 -20.53 5.97
N ASP A 89 36.14 -20.04 7.19
CA ASP A 89 36.17 -20.88 8.38
C ASP A 89 34.84 -21.59 8.65
N VAL A 90 34.08 -21.82 7.60
CA VAL A 90 32.82 -22.55 7.71
C VAL A 90 33.12 -23.98 8.14
N SER A 91 32.22 -24.57 8.93
CA SER A 91 32.34 -25.97 9.33
C SER A 91 32.48 -26.82 8.07
N LYS A 92 33.60 -27.51 7.94
CA LYS A 92 33.89 -28.26 6.73
C LYS A 92 33.46 -29.72 6.84
N GLU A 93 32.61 -30.01 7.82
CA GLU A 93 31.99 -31.32 7.94
C GLU A 93 30.98 -31.49 6.81
N GLU A 94 31.21 -32.49 5.96
CA GLU A 94 30.40 -32.73 4.78
C GLU A 94 28.92 -32.92 5.10
N PRO A 95 28.04 -32.31 4.28
CA PRO A 95 28.46 -31.42 3.20
C PRO A 95 28.63 -29.99 3.71
N VAL A 96 29.57 -29.25 3.12
CA VAL A 96 29.75 -27.84 3.47
C VAL A 96 28.44 -27.11 3.18
N THR A 97 27.89 -26.46 4.21
CA THR A 97 26.55 -25.87 4.10
C THR A 97 26.53 -24.34 4.15
N PHE A 98 25.73 -23.74 3.27
CA PHE A 98 25.49 -22.31 3.30
C PHE A 98 23.99 -22.05 3.18
N HIS A 99 23.54 -20.92 3.72
CA HIS A 99 22.13 -20.56 3.61
C HIS A 99 21.97 -19.37 2.66
N PHE A 100 21.17 -19.55 1.62
CA PHE A 100 20.87 -18.46 0.69
C PHE A 100 19.86 -17.53 1.33
N LEU A 101 20.28 -16.30 1.62
CA LEU A 101 19.43 -15.34 2.34
C LEU A 101 19.62 -13.90 1.86
N ALA A 102 18.55 -13.10 1.93
CA ALA A 102 18.65 -11.67 1.69
C ALA A 102 19.59 -11.05 2.70
N LYS A 103 20.63 -10.37 2.21
CA LYS A 103 21.56 -9.67 3.09
C LYS A 103 21.13 -8.21 3.13
N PHE A 104 20.46 -7.77 2.07
CA PHE A 104 19.95 -6.41 1.98
C PHE A 104 18.45 -6.39 1.68
N TYR A 105 17.78 -5.34 2.12
CA TYR A 105 16.34 -5.18 1.93
C TYR A 105 16.08 -3.92 1.09
N PRO A 106 15.06 -3.94 0.23
CA PRO A 106 14.76 -2.75 -0.59
C PRO A 106 13.95 -1.74 0.22
N GLU A 107 13.99 -0.48 -0.16
CA GLU A 107 13.19 0.55 0.51
C GLU A 107 11.71 0.41 0.14
N ASN A 108 11.47 -0.13 -1.05
CA ASN A 108 10.12 -0.45 -1.50
C ASN A 108 10.09 -1.76 -2.26
N ALA A 109 9.47 -2.78 -1.66
CA ALA A 109 9.44 -4.11 -2.25
C ALA A 109 8.65 -4.16 -3.56
N GLU A 110 7.55 -3.41 -3.60
CA GLU A 110 6.62 -3.47 -4.73
C GLU A 110 7.24 -2.91 -6.03
N GLU A 111 8.33 -2.17 -5.89
CA GLU A 111 8.96 -1.54 -7.05
C GLU A 111 10.32 -2.14 -7.40
N GLU A 112 11.00 -2.69 -6.41
CA GLU A 112 12.37 -3.16 -6.61
C GLU A 112 12.47 -4.67 -6.83
N LEU A 113 11.50 -5.41 -6.33
CA LEU A 113 11.50 -6.85 -6.53
C LEU A 113 10.69 -7.21 -7.78
N VAL A 114 11.37 -7.21 -8.93
CA VAL A 114 10.73 -7.47 -10.21
C VAL A 114 10.33 -8.93 -10.37
N GLN A 115 11.29 -9.83 -10.16
CA GLN A 115 11.05 -11.26 -10.35
C GLN A 115 10.21 -11.89 -9.26
N GLU A 116 9.44 -12.90 -9.63
CA GLU A 116 8.56 -13.60 -8.69
C GLU A 116 9.38 -14.43 -7.69
N ILE A 117 10.48 -14.99 -8.14
CA ILE A 117 11.35 -15.77 -7.25
C ILE A 117 11.95 -14.89 -6.15
N THR A 118 12.26 -13.64 -6.50
CA THR A 118 12.86 -12.71 -5.56
C THR A 118 11.85 -12.33 -4.48
N GLN A 119 10.64 -11.96 -4.90
CA GLN A 119 9.55 -11.62 -4.00
C GLN A 119 9.25 -12.79 -3.05
N HIS A 120 9.19 -13.99 -3.61
CA HIS A 120 8.82 -15.18 -2.87
C HIS A 120 9.86 -15.53 -1.79
N LEU A 121 11.14 -15.33 -2.11
CA LEU A 121 12.20 -15.60 -1.14
C LEU A 121 12.17 -14.56 -0.03
N PHE A 122 11.92 -13.31 -0.41
CA PHE A 122 11.82 -12.23 0.56
C PHE A 122 10.62 -12.45 1.48
N PHE A 123 9.49 -12.80 0.88
CA PHE A 123 8.28 -13.11 1.62
C PHE A 123 8.51 -14.14 2.73
N LEU A 124 9.20 -15.23 2.39
CA LEU A 124 9.44 -16.30 3.35
C LEU A 124 10.44 -15.93 4.44
N GLN A 125 11.47 -15.17 4.08
CA GLN A 125 12.50 -14.77 5.05
C GLN A 125 11.92 -13.77 6.06
N VAL A 126 11.12 -12.82 5.57
CA VAL A 126 10.49 -11.82 6.41
C VAL A 126 9.41 -12.44 7.31
N LYS A 127 8.60 -13.32 6.72
CA LYS A 127 7.55 -14.01 7.49
C LYS A 127 8.17 -14.77 8.66
N LYS A 128 9.27 -15.46 8.39
CA LYS A 128 10.00 -16.21 9.42
C LYS A 128 10.47 -15.27 10.53
N GLN A 129 10.98 -14.10 10.13
CA GLN A 129 11.47 -13.10 11.07
C GLN A 129 10.34 -12.63 12.00
N ILE A 130 9.17 -12.40 11.43
CA ILE A 130 8.01 -11.93 12.18
C ILE A 130 7.48 -13.03 13.11
N LEU A 131 7.48 -14.26 12.61
CA LEU A 131 7.02 -15.39 13.43
C LEU A 131 7.99 -15.72 14.57
N ASP A 132 9.29 -15.64 14.29
CA ASP A 132 10.30 -15.89 15.32
C ASP A 132 10.54 -14.65 16.20
N GLU A 133 9.72 -13.62 16.00
CA GLU A 133 9.75 -12.41 16.81
C GLU A 133 11.10 -11.66 16.77
N LYS A 134 11.81 -11.78 15.66
CA LYS A 134 13.01 -10.99 15.45
C LYS A 134 12.63 -9.61 14.94
N VAL A 135 11.44 -9.53 14.34
CA VAL A 135 10.86 -8.26 13.90
C VAL A 135 9.49 -8.10 14.56
N TYR A 136 9.35 -7.09 15.42
CA TYR A 136 8.10 -6.83 16.14
C TYR A 136 6.90 -6.62 15.22
N CYS A 137 5.77 -7.21 15.59
CA CYS A 137 4.53 -7.02 14.86
C CYS A 137 3.34 -6.89 15.81
N PRO A 138 2.55 -5.82 15.64
CA PRO A 138 1.35 -5.60 16.47
C PRO A 138 0.28 -6.65 16.17
N PRO A 139 -0.62 -6.91 17.13
CA PRO A 139 -1.59 -8.01 17.04
C PRO A 139 -2.47 -7.99 15.80
N GLU A 140 -3.07 -6.84 15.52
CA GLU A 140 -4.01 -6.73 14.40
C GLU A 140 -3.34 -6.85 13.03
N ALA A 141 -2.16 -6.27 12.88
CA ALA A 141 -1.40 -6.44 11.65
C ALA A 141 -0.90 -7.88 11.54
N SER A 142 -0.64 -8.52 12.66
CA SER A 142 -0.19 -9.91 12.68
C SER A 142 -1.27 -10.84 12.12
N VAL A 143 -2.53 -10.53 12.41
CA VAL A 143 -3.66 -11.32 11.91
C VAL A 143 -3.86 -11.07 10.41
N LEU A 144 -3.71 -9.81 9.99
CA LEU A 144 -3.81 -9.44 8.59
C LEU A 144 -2.67 -10.06 7.78
N LEU A 145 -1.47 -10.07 8.37
CA LEU A 145 -0.32 -10.70 7.74
C LEU A 145 -0.56 -12.20 7.55
N ALA A 146 -1.11 -12.85 8.57
CA ALA A 146 -1.40 -14.28 8.51
C ALA A 146 -2.39 -14.60 7.40
N SER A 147 -3.36 -13.71 7.20
CA SER A 147 -4.42 -13.93 6.21
C SER A 147 -3.88 -13.96 4.78
N TYR A 148 -2.93 -13.08 4.48
CA TYR A 148 -2.29 -13.07 3.17
C TYR A 148 -1.40 -14.30 2.99
N ALA A 149 -0.76 -14.74 4.07
CA ALA A 149 0.04 -15.95 4.06
C ALA A 149 -0.84 -17.17 3.76
N VAL A 150 -2.02 -17.19 4.38
CA VAL A 150 -3.00 -18.26 4.13
C VAL A 150 -3.51 -18.21 2.69
N GLN A 151 -3.81 -17.00 2.21
CA GLN A 151 -4.24 -16.79 0.82
C GLN A 151 -3.16 -17.25 -0.15
N ALA A 152 -1.90 -17.06 0.23
CA ALA A 152 -0.77 -17.46 -0.59
C ALA A 152 -0.55 -18.97 -0.65
N LYS A 153 -0.94 -19.67 0.42
CA LYS A 153 -0.69 -21.11 0.54
C LYS A 153 -1.85 -21.97 0.05
N TYR A 154 -3.07 -21.48 0.20
CA TYR A 154 -4.25 -22.31 -0.05
C TYR A 154 -5.06 -21.87 -1.27
N GLY A 155 -4.73 -20.72 -1.83
CA GLY A 155 -5.56 -20.13 -2.87
C GLY A 155 -6.80 -19.56 -2.22
N ASP A 156 -7.83 -19.28 -3.02
CA ASP A 156 -9.06 -18.69 -2.52
C ASP A 156 -9.73 -19.53 -1.43
N TYR A 157 -10.44 -18.85 -0.54
CA TYR A 157 -11.15 -19.52 0.56
C TYR A 157 -12.31 -20.33 0.01
N ASP A 158 -12.50 -21.53 0.57
CA ASP A 158 -13.58 -22.42 0.16
C ASP A 158 -14.05 -23.20 1.38
N PRO A 159 -15.20 -22.81 1.94
CA PRO A 159 -15.74 -23.39 3.18
C PRO A 159 -16.01 -24.89 3.02
N SER A 160 -16.18 -25.33 1.78
CA SER A 160 -16.31 -26.75 1.48
C SER A 160 -15.02 -27.49 1.78
N VAL A 161 -13.91 -26.93 1.32
CA VAL A 161 -12.59 -27.54 1.49
C VAL A 161 -11.96 -27.13 2.81
N HIS A 162 -12.06 -25.84 3.15
CA HIS A 162 -11.46 -25.30 4.36
C HIS A 162 -12.47 -25.19 5.50
N LYS A 163 -12.78 -26.33 6.12
CA LYS A 163 -13.71 -26.33 7.26
C LYS A 163 -13.06 -25.89 8.56
N ARG A 164 -13.87 -25.67 9.58
CA ARG A 164 -13.39 -25.19 10.87
C ARG A 164 -12.31 -26.09 11.47
N GLY A 165 -11.10 -25.56 11.59
CA GLY A 165 -9.98 -26.31 12.11
C GLY A 165 -8.89 -26.57 11.09
N PHE A 166 -9.07 -26.06 9.87
CA PHE A 166 -8.11 -26.30 8.78
C PHE A 166 -6.77 -25.58 8.98
N LEU A 167 -6.71 -24.68 9.96
CA LEU A 167 -5.49 -23.93 10.24
C LEU A 167 -4.93 -24.27 11.63
N ALA A 168 -5.44 -25.34 12.24
CA ALA A 168 -5.04 -25.71 13.60
C ALA A 168 -3.56 -26.04 13.74
N GLN A 169 -2.98 -26.63 12.70
CA GLN A 169 -1.58 -27.04 12.73
C GLN A 169 -0.67 -26.04 12.04
N GLU A 170 -1.21 -24.87 11.71
CA GLU A 170 -0.45 -23.86 10.99
C GLU A 170 0.20 -22.82 11.89
N GLU A 171 1.48 -22.57 11.64
CA GLU A 171 2.21 -21.52 12.36
C GLU A 171 1.89 -20.20 11.69
N LEU A 172 0.91 -19.48 12.24
CA LEU A 172 0.40 -18.26 11.61
C LEU A 172 0.72 -16.99 12.38
N LEU A 173 0.64 -17.06 13.71
CA LEU A 173 0.84 -15.88 14.55
C LEU A 173 2.08 -16.02 15.44
N PRO A 174 2.73 -14.88 15.74
CA PRO A 174 3.82 -14.88 16.72
C PRO A 174 3.28 -15.26 18.09
N LYS A 175 4.05 -16.02 18.87
CA LYS A 175 3.65 -16.44 20.21
C LYS A 175 3.21 -15.27 21.09
N ARG A 176 3.85 -14.12 20.89
CA ARG A 176 3.54 -12.89 21.63
C ARG A 176 2.08 -12.50 21.44
N VAL A 177 1.65 -12.41 20.19
CA VAL A 177 0.27 -12.05 19.86
C VAL A 177 -0.73 -13.07 20.41
N ILE A 178 -0.38 -14.35 20.32
CA ILE A 178 -1.21 -15.42 20.86
C ILE A 178 -1.37 -15.31 22.38
N ASN A 179 -0.25 -15.07 23.08
CA ASN A 179 -0.26 -14.94 24.53
C ASN A 179 -0.80 -13.60 25.03
N LEU A 180 -0.73 -12.58 24.18
CA LEU A 180 -1.13 -11.23 24.57
C LEU A 180 -2.58 -11.20 25.05
N TYR A 181 -3.50 -11.57 24.17
CA TYR A 181 -4.90 -11.76 24.56
C TYR A 181 -5.22 -13.23 24.40
N GLN A 182 -5.30 -13.95 25.53
CA GLN A 182 -5.51 -15.39 25.50
C GLN A 182 -6.77 -15.78 24.74
N MET A 183 -6.56 -16.34 23.56
CA MET A 183 -7.64 -16.89 22.75
C MET A 183 -7.28 -18.31 22.36
N THR A 184 -8.29 -19.16 22.22
CA THR A 184 -8.08 -20.51 21.73
C THR A 184 -7.73 -20.42 20.24
N PRO A 185 -7.00 -21.42 19.71
CA PRO A 185 -6.64 -21.47 18.29
C PRO A 185 -7.84 -21.25 17.37
N GLU A 186 -9.02 -21.69 17.81
CA GLU A 186 -10.24 -21.55 17.03
C GLU A 186 -10.85 -20.15 17.14
N MET A 187 -10.34 -19.33 18.05
CA MET A 187 -10.72 -17.94 18.13
C MET A 187 -9.82 -17.13 17.20
N TRP A 188 -8.60 -17.61 17.04
CA TRP A 188 -7.65 -17.00 16.11
C TRP A 188 -7.96 -17.43 14.69
N GLU A 189 -8.42 -18.67 14.53
CA GLU A 189 -8.78 -19.16 13.21
C GLU A 189 -9.91 -18.32 12.62
N GLU A 190 -10.91 -18.01 13.44
CA GLU A 190 -12.02 -17.17 12.99
C GLU A 190 -11.54 -15.80 12.51
N ARG A 191 -10.61 -15.21 13.25
CA ARG A 191 -10.08 -13.90 12.89
C ARG A 191 -9.28 -13.92 11.59
N ILE A 192 -8.41 -14.90 11.46
CA ILE A 192 -7.59 -15.05 10.25
C ILE A 192 -8.45 -15.47 9.04
N THR A 193 -9.44 -16.32 9.29
CA THR A 193 -10.36 -16.77 8.24
C THR A 193 -11.25 -15.63 7.74
N ALA A 194 -11.70 -14.78 8.64
CA ALA A 194 -12.55 -13.65 8.28
C ALA A 194 -11.85 -12.72 7.29
N TRP A 195 -10.58 -12.43 7.55
CA TRP A 195 -9.77 -11.65 6.63
C TRP A 195 -9.48 -12.45 5.35
N TYR A 196 -9.18 -13.73 5.53
CA TYR A 196 -8.89 -14.65 4.43
C TYR A 196 -9.97 -14.60 3.35
N ALA A 197 -11.24 -14.61 3.76
CA ALA A 197 -12.35 -14.64 2.82
C ALA A 197 -12.41 -13.42 1.90
N GLU A 198 -11.84 -12.30 2.35
CA GLU A 198 -11.89 -11.04 1.61
C GLU A 198 -10.71 -10.89 0.64
N HIS A 199 -9.84 -11.89 0.61
CA HIS A 199 -8.68 -11.88 -0.28
C HIS A 199 -8.97 -12.65 -1.55
N ARG A 200 -10.24 -13.04 -1.72
CA ARG A 200 -10.66 -13.86 -2.85
C ARG A 200 -10.32 -13.19 -4.18
N GLY A 201 -9.59 -13.91 -5.02
CA GLY A 201 -9.18 -13.39 -6.31
C GLY A 201 -7.69 -13.09 -6.39
N ARG A 202 -7.01 -13.10 -5.25
CA ARG A 202 -5.57 -12.79 -5.22
C ARG A 202 -4.69 -14.03 -5.36
N ALA A 203 -3.83 -14.04 -6.38
CA ALA A 203 -2.90 -15.14 -6.60
C ALA A 203 -1.82 -15.15 -5.53
N ARG A 204 -0.98 -16.18 -5.54
CA ARG A 204 0.09 -16.30 -4.55
C ARG A 204 1.02 -15.09 -4.54
N ASP A 205 1.47 -14.69 -5.72
CA ASP A 205 2.42 -13.59 -5.85
C ASP A 205 1.81 -12.27 -5.36
N GLU A 206 0.52 -12.08 -5.61
CA GLU A 206 -0.18 -10.89 -5.15
C GLU A 206 -0.32 -10.89 -3.63
N ALA A 207 -0.74 -12.01 -3.08
CA ALA A 207 -0.91 -12.13 -1.62
C ALA A 207 0.43 -11.95 -0.90
N GLU A 208 1.49 -12.49 -1.48
CA GLU A 208 2.83 -12.38 -0.90
C GLU A 208 3.37 -10.95 -0.92
N MET A 209 3.04 -10.19 -1.96
CA MET A 209 3.49 -8.80 -2.07
C MET A 209 2.75 -7.90 -1.09
N GLU A 210 1.48 -8.23 -0.84
CA GLU A 210 0.69 -7.50 0.15
C GLU A 210 1.24 -7.73 1.55
N TYR A 211 1.72 -8.94 1.80
CA TYR A 211 2.40 -9.26 3.04
C TYR A 211 3.61 -8.34 3.21
N LEU A 212 4.47 -8.33 2.21
CA LEU A 212 5.68 -7.49 2.21
C LEU A 212 5.37 -6.00 2.36
N LYS A 213 4.31 -5.52 1.72
CA LYS A 213 3.95 -4.10 1.80
C LYS A 213 3.56 -3.67 3.21
N ILE A 214 2.96 -4.58 3.96
CA ILE A 214 2.65 -4.34 5.37
C ILE A 214 3.91 -4.51 6.23
N ALA A 215 4.59 -5.64 6.06
CA ALA A 215 5.77 -5.97 6.86
C ALA A 215 6.89 -4.93 6.76
N GLN A 216 7.11 -4.40 5.55
CA GLN A 216 8.18 -3.42 5.34
C GLN A 216 7.91 -2.06 6.02
N ASP A 217 6.68 -1.82 6.47
CA ASP A 217 6.41 -0.61 7.23
C ASP A 217 6.52 -0.85 8.73
N LEU A 218 6.82 -2.09 9.12
CA LEU A 218 7.13 -2.39 10.51
C LEU A 218 8.45 -1.74 10.90
N GLU A 219 8.56 -1.38 12.18
CA GLU A 219 9.65 -0.56 12.68
C GLU A 219 11.02 -1.26 12.64
N MET A 220 11.05 -2.56 12.97
CA MET A 220 12.31 -3.29 13.03
C MET A 220 12.68 -3.98 11.71
N TYR A 221 11.86 -3.76 10.69
CA TYR A 221 12.08 -4.39 9.38
C TYR A 221 13.39 -3.92 8.75
N GLY A 222 14.18 -4.88 8.27
CA GLY A 222 15.40 -4.56 7.54
C GLY A 222 16.55 -4.00 8.37
N VAL A 223 16.41 -4.00 9.69
CA VAL A 223 17.43 -3.42 10.55
C VAL A 223 18.41 -4.46 11.08
N ASN A 224 19.70 -4.25 10.84
CA ASN A 224 20.74 -5.06 11.48
C ASN A 224 21.19 -4.42 12.81
N TYR A 225 20.96 -5.12 13.91
CA TYR A 225 21.29 -4.61 15.24
C TYR A 225 22.63 -5.13 15.75
N PHE A 226 23.41 -4.25 16.39
CA PHE A 226 24.67 -4.66 17.01
C PHE A 226 24.89 -3.90 18.32
N THR A 227 25.23 -4.64 19.38
CA THR A 227 25.52 -4.05 20.67
C THR A 227 26.83 -3.26 20.59
N ILE A 228 26.79 -2.01 21.03
CA ILE A 228 27.97 -1.15 21.02
C ILE A 228 28.04 -0.38 22.31
N ARG A 229 29.07 0.42 22.47
CA ARG A 229 29.20 1.31 23.63
C ARG A 229 29.72 2.65 23.16
N ASN A 230 29.15 3.74 23.69
CA ASN A 230 29.72 5.06 23.40
C ASN A 230 30.98 5.29 24.23
N LYS A 231 31.65 6.42 23.99
CA LYS A 231 32.91 6.70 24.67
C LYS A 231 32.78 6.86 26.18
N LYS A 232 31.54 7.01 26.64
CA LYS A 232 31.26 7.12 28.08
C LYS A 232 30.97 5.76 28.68
N GLY A 233 30.92 4.74 27.82
CA GLY A 233 30.72 3.37 28.27
C GLY A 233 29.28 2.94 28.36
N THR A 234 28.37 3.76 27.83
CA THR A 234 26.96 3.41 27.81
C THR A 234 26.67 2.37 26.73
N GLU A 235 26.06 1.25 27.13
CA GLU A 235 25.72 0.19 26.20
C GLU A 235 24.61 0.66 25.26
N LEU A 236 24.81 0.45 23.96
CA LEU A 236 23.85 0.90 22.96
C LEU A 236 23.72 -0.08 21.79
N LEU A 237 22.74 0.17 20.92
CA LEU A 237 22.56 -0.65 19.73
C LEU A 237 22.84 0.15 18.47
N LEU A 238 23.78 -0.34 17.66
CA LEU A 238 23.98 0.21 16.33
C LEU A 238 22.98 -0.44 15.40
N GLY A 239 22.27 0.40 14.64
CA GLY A 239 21.31 -0.09 13.68
C GLY A 239 21.79 0.21 12.28
N VAL A 240 21.87 -0.84 11.44
CA VAL A 240 22.27 -0.66 10.06
C VAL A 240 21.14 -1.13 9.16
N ASP A 241 20.64 -0.22 8.31
CA ASP A 241 19.58 -0.58 7.37
C ASP A 241 19.71 0.13 6.02
N ALA A 242 18.65 0.07 5.21
CA ALA A 242 18.69 0.68 3.88
C ALA A 242 18.76 2.21 3.90
N LEU A 243 18.40 2.82 5.03
CA LEU A 243 18.35 4.27 5.11
C LEU A 243 19.63 4.89 5.69
N GLY A 244 20.30 4.17 6.59
CA GLY A 244 21.54 4.66 7.15
C GLY A 244 21.94 4.02 8.45
N LEU A 245 22.79 4.71 9.21
CA LEU A 245 23.23 4.21 10.52
C LEU A 245 22.37 4.85 11.62
N HIS A 246 22.10 4.08 12.67
CA HIS A 246 21.20 4.53 13.72
C HIS A 246 21.69 4.10 15.10
N ILE A 247 21.42 4.93 16.09
CA ILE A 247 21.77 4.60 17.47
C ILE A 247 20.49 4.34 18.28
N TYR A 248 20.40 3.15 18.88
CA TYR A 248 19.22 2.75 19.64
C TYR A 248 19.57 2.62 21.11
N ASP A 249 18.58 2.77 21.98
CA ASP A 249 18.72 2.32 23.36
C ASP A 249 18.43 0.83 23.38
N PRO A 250 19.19 0.07 24.18
CA PRO A 250 19.09 -1.40 24.20
C PRO A 250 17.69 -1.90 24.59
N GLU A 251 16.91 -1.03 25.23
CA GLU A 251 15.56 -1.40 25.67
C GLU A 251 14.50 -0.95 24.68
N ASN A 252 14.92 -0.24 23.63
CA ASN A 252 13.98 0.25 22.62
C ASN A 252 14.53 0.04 21.21
N ARG A 253 14.13 -1.07 20.59
CA ARG A 253 14.55 -1.38 19.24
C ARG A 253 13.60 -0.80 18.20
N LEU A 254 12.51 -0.20 18.66
CA LEU A 254 11.51 0.36 17.76
C LEU A 254 11.94 1.72 17.19
N THR A 255 12.44 2.60 18.06
CA THR A 255 12.74 3.97 17.66
C THR A 255 14.17 4.38 18.02
N PRO A 256 15.00 4.65 17.00
CA PRO A 256 16.39 5.10 17.21
C PRO A 256 16.44 6.55 17.68
N LYS A 257 17.34 6.84 18.63
CA LYS A 257 17.48 8.20 19.17
C LYS A 257 18.27 9.09 18.22
N ILE A 258 19.19 8.48 17.46
CA ILE A 258 20.03 9.22 16.53
C ILE A 258 20.05 8.51 15.17
N SER A 259 20.02 9.27 14.09
CA SER A 259 20.10 8.71 12.75
C SER A 259 21.15 9.39 11.89
N PHE A 260 21.80 8.60 11.02
CA PHE A 260 22.75 9.13 10.06
C PHE A 260 22.39 8.54 8.69
N PRO A 261 21.62 9.30 7.89
CA PRO A 261 21.25 8.82 6.54
C PRO A 261 22.48 8.66 5.66
N TRP A 262 22.45 7.72 4.71
CA TRP A 262 23.62 7.40 3.91
C TRP A 262 24.16 8.60 3.12
N ASN A 263 23.25 9.48 2.71
CA ASN A 263 23.63 10.67 1.95
C ASN A 263 24.11 11.82 2.85
N GLU A 264 24.20 11.54 4.15
CA GLU A 264 24.62 12.55 5.12
C GLU A 264 25.83 12.11 5.93
N ILE A 265 26.54 11.09 5.42
CA ILE A 265 27.78 10.65 6.04
C ILE A 265 28.96 10.89 5.10
N ARG A 266 29.97 11.62 5.57
CA ARG A 266 31.16 11.89 4.77
C ARG A 266 32.08 10.68 4.75
N ASN A 267 32.30 10.07 5.91
CA ASN A 267 33.04 8.81 5.99
C ASN A 267 32.80 8.01 7.26
N ILE A 268 33.23 6.75 7.22
CA ILE A 268 33.18 5.88 8.39
C ILE A 268 34.58 5.31 8.60
N SER A 269 35.19 5.63 9.73
CA SER A 269 36.56 5.18 10.02
C SER A 269 36.55 4.05 11.04
N TYR A 270 37.57 3.20 10.98
CA TYR A 270 37.69 2.10 11.93
C TYR A 270 39.14 1.83 12.33
N SER A 271 39.35 1.59 13.62
CA SER A 271 40.65 1.19 14.14
C SER A 271 40.49 0.69 15.57
N ASP A 272 41.15 -0.42 15.88
CA ASP A 272 41.15 -1.03 17.21
C ASP A 272 39.80 -1.00 17.92
N LYS A 273 38.81 -1.63 17.31
CA LYS A 273 37.46 -1.76 17.87
C LYS A 273 36.71 -0.44 18.07
N GLU A 274 37.23 0.64 17.49
CA GLU A 274 36.54 1.93 17.58
C GLU A 274 36.04 2.37 16.20
N PHE A 275 34.75 2.67 16.12
CA PHE A 275 34.18 3.24 14.91
C PHE A 275 34.02 4.75 15.05
N THR A 276 34.25 5.48 13.96
CA THR A 276 34.01 6.92 13.95
C THR A 276 33.17 7.32 12.74
N ILE A 277 31.94 7.74 12.98
CA ILE A 277 31.06 8.22 11.93
C ILE A 277 31.24 9.72 11.76
N LYS A 278 31.62 10.15 10.55
CA LYS A 278 31.82 11.57 10.29
C LYS A 278 30.72 12.11 9.39
N PRO A 279 29.79 12.90 9.97
CA PRO A 279 28.67 13.47 9.21
C PRO A 279 29.13 14.42 8.10
N LEU A 280 28.30 14.59 7.08
CA LEU A 280 28.61 15.51 5.99
C LEU A 280 28.55 16.95 6.47
N ASP A 281 27.58 17.24 7.34
CA ASP A 281 27.45 18.56 7.93
C ASP A 281 28.67 18.81 8.81
N LYS A 282 29.48 19.79 8.42
CA LYS A 282 30.77 20.03 9.07
C LYS A 282 30.61 20.57 10.51
N LYS A 283 29.39 20.98 10.86
CA LYS A 283 29.13 21.51 12.19
C LYS A 283 28.64 20.44 13.15
N ILE A 284 28.33 19.26 12.63
CA ILE A 284 27.91 18.15 13.47
C ILE A 284 29.11 17.36 13.97
N ASP A 285 29.19 17.14 15.27
CA ASP A 285 30.31 16.43 15.85
C ASP A 285 30.30 14.95 15.45
N VAL A 286 31.49 14.36 15.30
CA VAL A 286 31.59 12.95 14.95
C VAL A 286 30.96 12.11 16.05
N PHE A 287 30.59 10.88 15.71
CA PHE A 287 30.05 9.96 16.68
C PHE A 287 30.94 8.72 16.74
N LYS A 288 31.46 8.43 17.92
CA LYS A 288 32.34 7.28 18.10
C LYS A 288 31.67 6.22 18.95
N PHE A 289 32.00 4.96 18.66
CA PHE A 289 31.53 3.85 19.47
C PHE A 289 32.47 2.67 19.43
N ASN A 290 32.31 1.78 20.40
CA ASN A 290 33.15 0.59 20.48
C ASN A 290 32.38 -0.68 20.19
N SER A 291 33.04 -1.63 19.54
CA SER A 291 32.48 -2.94 19.27
C SER A 291 33.60 -3.96 19.41
N SER A 292 33.42 -4.91 20.32
CA SER A 292 34.49 -5.76 20.81
C SER A 292 34.98 -6.83 19.83
N LYS A 293 34.09 -7.32 18.96
CA LYS A 293 34.42 -8.45 18.10
C LYS A 293 34.86 -8.04 16.69
N LEU A 294 36.04 -8.53 16.28
CA LEU A 294 36.56 -8.24 14.94
C LEU A 294 35.68 -8.80 13.84
N ARG A 295 35.07 -9.96 14.10
CA ARG A 295 34.21 -10.60 13.12
C ARG A 295 32.94 -9.77 12.87
N VAL A 296 32.48 -9.09 13.91
CA VAL A 296 31.28 -8.26 13.81
C VAL A 296 31.59 -6.92 13.16
N ASN A 297 32.77 -6.38 13.46
CA ASN A 297 33.20 -5.11 12.90
C ASN A 297 33.32 -5.12 11.36
N LYS A 298 33.80 -6.23 10.80
CA LYS A 298 33.87 -6.36 9.34
C LYS A 298 32.51 -6.62 8.72
N LEU A 299 31.63 -7.29 9.45
CA LEU A 299 30.25 -7.46 8.99
C LEU A 299 29.56 -6.09 8.93
N ILE A 300 29.77 -5.29 9.97
CA ILE A 300 29.23 -3.94 10.02
C ILE A 300 29.71 -3.11 8.84
N LEU A 301 31.03 -3.07 8.64
CA LEU A 301 31.60 -2.35 7.49
C LEU A 301 31.02 -2.86 6.16
N GLN A 302 30.87 -4.18 6.03
CA GLN A 302 30.27 -4.76 4.83
C GLN A 302 28.86 -4.23 4.62
N LEU A 303 28.06 -4.29 5.69
CA LEU A 303 26.68 -3.85 5.61
C LEU A 303 26.59 -2.36 5.26
N CYS A 304 27.53 -1.59 5.79
CA CYS A 304 27.61 -0.16 5.48
C CYS A 304 27.83 0.08 4.00
N ILE A 305 28.84 -0.59 3.43
CA ILE A 305 29.18 -0.45 2.02
C ILE A 305 28.00 -0.84 1.13
N GLY A 306 27.39 -1.99 1.44
CA GLY A 306 26.28 -2.49 0.65
C GLY A 306 25.03 -1.63 0.68
N ASN A 307 24.54 -1.31 1.87
CA ASN A 307 23.34 -0.48 2.00
C ASN A 307 23.52 0.91 1.41
N HIS A 308 24.72 1.47 1.56
CA HIS A 308 25.03 2.77 0.97
C HIS A 308 24.98 2.70 -0.55
N ASP A 309 25.51 1.63 -1.11
CA ASP A 309 25.53 1.45 -2.56
C ASP A 309 24.12 1.36 -3.13
N LEU A 310 23.28 0.55 -2.49
CA LEU A 310 21.90 0.39 -2.94
C LEU A 310 21.12 1.67 -2.75
N PHE A 311 21.45 2.41 -1.69
CA PHE A 311 20.80 3.69 -1.39
C PHE A 311 21.05 4.68 -2.51
N MET A 312 22.32 4.81 -2.90
CA MET A 312 22.71 5.80 -3.89
C MET A 312 22.27 5.44 -5.31
N ARG A 313 22.01 4.15 -5.54
CA ARG A 313 21.59 3.67 -6.86
C ARG A 313 20.12 3.92 -7.15
N ARG A 314 19.29 3.85 -6.11
CA ARG A 314 17.86 4.17 -6.24
C ARG A 314 17.65 5.64 -6.62
N ARG A 315 18.69 6.44 -6.44
CA ARG A 315 18.58 7.89 -6.57
C ARG A 315 19.52 8.47 -7.63
N LYS A 316 20.32 7.62 -8.26
CA LYS A 316 21.30 8.08 -9.23
C LYS A 316 20.66 8.83 -10.40
N THR B 25 -26.74 41.06 -8.25
CA THR B 25 -26.20 39.80 -7.76
C THR B 25 -27.24 39.02 -6.98
N PHE B 26 -27.28 37.70 -7.19
CA PHE B 26 -28.19 36.84 -6.45
C PHE B 26 -27.45 35.87 -5.53
N THR B 27 -28.08 35.53 -4.42
CA THR B 27 -27.46 34.68 -3.41
C THR B 27 -27.37 33.21 -3.84
N VAL B 28 -26.17 32.65 -3.75
CA VAL B 28 -25.94 31.24 -4.07
C VAL B 28 -25.36 30.51 -2.87
N ARG B 29 -25.95 29.36 -2.53
CA ARG B 29 -25.45 28.56 -1.42
C ARG B 29 -24.61 27.39 -1.92
N ILE B 30 -23.30 27.47 -1.66
CA ILE B 30 -22.39 26.41 -2.06
C ILE B 30 -22.15 25.44 -0.89
N VAL B 31 -22.66 24.22 -1.02
CA VAL B 31 -22.52 23.22 0.03
C VAL B 31 -21.45 22.18 -0.30
N THR B 32 -20.42 22.12 0.54
CA THR B 32 -19.40 21.09 0.42
C THR B 32 -19.75 19.96 1.37
N MET B 33 -18.94 18.89 1.34
CA MET B 33 -19.09 17.81 2.30
C MET B 33 -18.69 18.29 3.69
N ASP B 34 -17.96 19.41 3.74
CA ASP B 34 -17.51 19.99 4.99
C ASP B 34 -18.49 21.02 5.54
N ALA B 35 -18.52 22.20 4.93
CA ALA B 35 -19.36 23.28 5.42
C ALA B 35 -20.13 24.00 4.32
N GLU B 36 -20.78 25.10 4.69
CA GLU B 36 -21.56 25.88 3.74
C GLU B 36 -20.96 27.27 3.57
N MET B 37 -20.92 27.74 2.32
CA MET B 37 -20.38 29.07 2.02
C MET B 37 -21.22 29.76 0.94
N GLU B 38 -21.49 31.04 1.15
CA GLU B 38 -22.34 31.80 0.23
C GLU B 38 -21.53 32.83 -0.55
N PHE B 39 -21.99 33.14 -1.76
CA PHE B 39 -21.25 34.03 -2.65
C PHE B 39 -22.16 35.01 -3.38
N ASN B 40 -21.58 36.08 -3.89
CA ASN B 40 -22.29 37.05 -4.72
C ASN B 40 -22.02 36.78 -6.20
N CYS B 41 -23.03 36.28 -6.89
CA CYS B 41 -22.88 35.92 -8.31
C CYS B 41 -23.45 37.02 -9.20
N GLU B 42 -22.62 37.55 -10.10
CA GLU B 42 -23.08 38.49 -11.10
C GLU B 42 -24.24 37.87 -11.89
N MET B 43 -25.26 38.67 -12.17
CA MET B 43 -26.50 38.17 -12.78
C MET B 43 -26.28 37.49 -14.12
N LYS B 44 -25.24 37.88 -14.84
CA LYS B 44 -24.95 37.31 -16.15
C LYS B 44 -23.74 36.38 -16.12
N TRP B 45 -23.33 35.96 -14.93
CA TRP B 45 -22.19 35.07 -14.78
C TRP B 45 -22.48 33.67 -15.31
N LYS B 46 -21.47 33.06 -15.92
CA LYS B 46 -21.58 31.71 -16.44
C LYS B 46 -20.97 30.70 -15.47
N GLY B 47 -21.19 29.41 -15.75
CA GLY B 47 -20.77 28.34 -14.85
C GLY B 47 -19.31 28.39 -14.42
N LYS B 48 -18.41 28.64 -15.36
CA LYS B 48 -16.99 28.70 -15.04
C LYS B 48 -16.65 29.88 -14.12
N ASP B 49 -17.41 30.97 -14.26
CA ASP B 49 -17.23 32.12 -13.38
C ASP B 49 -17.57 31.75 -11.94
N LEU B 50 -18.71 31.09 -11.77
CA LEU B 50 -19.11 30.60 -10.47
C LEU B 50 -18.16 29.51 -9.98
N PHE B 51 -17.77 28.61 -10.87
CA PHE B 51 -16.91 27.49 -10.51
C PHE B 51 -15.48 27.92 -10.17
N ASP B 52 -14.90 28.78 -11.01
CA ASP B 52 -13.53 29.24 -10.78
C ASP B 52 -13.42 30.13 -9.54
N LEU B 53 -14.56 30.44 -8.94
CA LEU B 53 -14.60 31.22 -7.71
C LEU B 53 -14.72 30.32 -6.47
N VAL B 54 -15.59 29.33 -6.55
CA VAL B 54 -15.76 28.36 -5.47
C VAL B 54 -14.45 27.63 -5.19
N CYS B 55 -13.68 27.39 -6.25
CA CYS B 55 -12.40 26.69 -6.14
C CYS B 55 -11.31 27.56 -5.52
N ARG B 56 -11.16 28.80 -6.00
CA ARG B 56 -10.17 29.72 -5.47
C ARG B 56 -10.36 29.97 -3.98
N THR B 57 -11.61 29.98 -3.54
CA THR B 57 -11.95 30.15 -2.13
C THR B 57 -11.39 29.00 -1.28
N LEU B 58 -11.62 27.77 -1.75
CA LEU B 58 -11.17 26.59 -1.03
C LEU B 58 -9.65 26.42 -1.10
N GLY B 59 -9.02 27.08 -2.07
CA GLY B 59 -7.60 26.93 -2.29
C GLY B 59 -7.31 25.72 -3.16
N LEU B 60 -8.26 25.39 -4.01
CA LEU B 60 -8.20 24.18 -4.82
C LEU B 60 -7.70 24.46 -6.24
N ARG B 61 -6.54 23.89 -6.56
CA ARG B 61 -5.95 24.03 -7.89
C ARG B 61 -6.30 22.83 -8.78
N GLU B 62 -6.59 21.70 -8.15
CA GLU B 62 -7.01 20.50 -8.87
C GLU B 62 -8.52 20.49 -9.06
N THR B 63 -9.01 21.35 -9.96
CA THR B 63 -10.43 21.58 -10.15
C THR B 63 -11.11 20.52 -11.01
N TRP B 64 -10.32 19.80 -11.81
CA TRP B 64 -10.86 18.84 -12.78
C TRP B 64 -11.59 17.64 -12.17
N PHE B 65 -11.30 17.34 -10.91
CA PHE B 65 -11.98 16.25 -10.22
C PHE B 65 -13.35 16.69 -9.73
N PHE B 66 -13.61 17.99 -9.80
CA PHE B 66 -14.80 18.55 -9.17
C PHE B 66 -15.76 19.23 -10.14
N GLY B 67 -16.92 19.59 -9.60
CA GLY B 67 -17.96 20.27 -10.36
C GLY B 67 -19.06 20.68 -9.40
N LEU B 68 -19.90 21.62 -9.81
CA LEU B 68 -21.03 22.04 -8.99
C LEU B 68 -22.29 21.28 -9.40
N GLN B 69 -22.94 20.65 -8.41
CA GLN B 69 -24.05 19.75 -8.68
C GLN B 69 -25.33 20.19 -7.98
N TYR B 70 -26.46 20.02 -8.67
CA TYR B 70 -27.78 20.24 -8.08
C TYR B 70 -28.69 19.09 -8.48
N THR B 71 -29.74 18.85 -7.69
CA THR B 71 -30.69 17.79 -7.99
C THR B 71 -32.08 18.34 -8.28
N ILE B 72 -32.56 18.08 -9.48
CA ILE B 72 -33.91 18.46 -9.89
C ILE B 72 -34.53 17.28 -10.63
N LYS B 73 -35.79 16.97 -10.31
CA LYS B 73 -36.46 15.77 -10.82
C LYS B 73 -35.72 14.48 -10.47
N ASP B 74 -35.17 14.42 -9.27
CA ASP B 74 -34.47 13.24 -8.78
C ASP B 74 -33.40 12.73 -9.74
N THR B 75 -32.58 13.63 -10.26
CA THR B 75 -31.51 13.28 -11.19
C THR B 75 -30.35 14.25 -11.09
N VAL B 76 -29.14 13.72 -11.00
CA VAL B 76 -27.92 14.52 -10.88
C VAL B 76 -27.71 15.43 -12.09
N ALA B 77 -27.44 16.69 -11.83
CA ALA B 77 -27.14 17.66 -12.89
C ALA B 77 -25.86 18.41 -12.58
N TRP B 78 -25.06 18.68 -13.60
CA TRP B 78 -23.81 19.42 -13.42
C TRP B 78 -23.85 20.79 -14.06
N LEU B 79 -23.45 21.80 -13.30
CA LEU B 79 -23.39 23.17 -13.80
C LEU B 79 -22.41 23.27 -14.95
N LYS B 80 -22.93 23.52 -16.14
CA LYS B 80 -22.08 23.67 -17.33
C LYS B 80 -21.26 24.96 -17.24
N MET B 81 -20.08 24.94 -17.86
CA MET B 81 -19.14 26.04 -17.75
C MET B 81 -19.39 27.16 -18.77
N ASP B 82 -19.91 26.79 -19.93
CA ASP B 82 -20.12 27.75 -21.02
C ASP B 82 -21.52 28.36 -20.96
N LYS B 83 -22.42 27.71 -20.23
CA LYS B 83 -23.79 28.19 -20.07
C LYS B 83 -23.88 29.18 -18.91
N LYS B 84 -24.85 30.09 -18.98
CA LYS B 84 -25.10 31.00 -17.87
C LYS B 84 -25.67 30.21 -16.69
N VAL B 85 -25.34 30.63 -15.48
CA VAL B 85 -25.82 29.95 -14.28
C VAL B 85 -27.34 29.98 -14.16
N LEU B 86 -27.92 31.16 -14.32
CA LEU B 86 -29.36 31.36 -14.09
C LEU B 86 -30.27 30.69 -15.13
N ASP B 87 -29.68 30.14 -16.20
CA ASP B 87 -30.47 29.48 -17.23
C ASP B 87 -30.67 28.00 -16.96
N HIS B 88 -29.84 27.43 -16.08
CA HIS B 88 -29.96 26.03 -15.71
C HIS B 88 -31.32 25.73 -15.08
N ASP B 89 -31.82 24.52 -15.30
CA ASP B 89 -33.14 24.12 -14.80
C ASP B 89 -33.16 23.89 -13.29
N VAL B 90 -32.12 24.38 -12.61
CA VAL B 90 -32.04 24.35 -11.16
C VAL B 90 -33.17 25.18 -10.57
N SER B 91 -33.73 24.72 -9.46
CA SER B 91 -34.75 25.48 -8.74
C SER B 91 -34.13 26.80 -8.29
N LYS B 92 -34.86 27.89 -8.47
CA LYS B 92 -34.31 29.22 -8.23
C LYS B 92 -34.93 29.91 -7.03
N GLU B 93 -35.54 29.10 -6.14
CA GLU B 93 -36.03 29.61 -4.88
C GLU B 93 -34.83 29.94 -4.00
N GLU B 94 -34.41 31.20 -4.04
CA GLU B 94 -33.24 31.67 -3.30
C GLU B 94 -33.28 31.26 -1.82
N PRO B 95 -32.13 30.81 -1.29
CA PRO B 95 -30.82 30.78 -1.95
C PRO B 95 -30.68 29.67 -2.99
N VAL B 96 -30.14 30.02 -4.16
CA VAL B 96 -29.83 29.04 -5.19
C VAL B 96 -28.73 28.14 -4.65
N THR B 97 -29.04 26.85 -4.49
CA THR B 97 -28.10 25.95 -3.81
C THR B 97 -27.39 24.99 -4.76
N PHE B 98 -26.08 24.90 -4.61
CA PHE B 98 -25.28 23.92 -5.35
C PHE B 98 -24.51 23.04 -4.39
N HIS B 99 -24.23 21.81 -4.81
CA HIS B 99 -23.40 20.92 -4.02
C HIS B 99 -22.02 20.76 -4.67
N PHE B 100 -20.99 21.09 -3.92
CA PHE B 100 -19.62 20.95 -4.41
C PHE B 100 -19.13 19.53 -4.19
N LEU B 101 -19.35 18.68 -5.19
CA LEU B 101 -18.94 17.29 -5.10
C LEU B 101 -17.93 16.93 -6.18
N ALA B 102 -17.28 15.78 -6.01
CA ALA B 102 -16.34 15.27 -7.01
C ALA B 102 -17.10 14.57 -8.14
N LYS B 103 -16.84 15.01 -9.36
CA LYS B 103 -17.49 14.44 -10.54
C LYS B 103 -16.70 13.23 -11.03
N PHE B 104 -15.38 13.32 -10.93
CA PHE B 104 -14.51 12.23 -11.37
C PHE B 104 -13.58 11.77 -10.24
N TYR B 105 -13.34 10.47 -10.20
CA TYR B 105 -12.42 9.88 -9.22
C TYR B 105 -11.11 9.52 -9.90
N PRO B 106 -9.97 9.71 -9.21
CA PRO B 106 -8.67 9.36 -9.78
C PRO B 106 -8.44 7.86 -9.80
N GLU B 107 -7.59 7.38 -10.70
CA GLU B 107 -7.24 5.97 -10.75
C GLU B 107 -6.37 5.60 -9.56
N ASN B 108 -5.72 6.60 -8.97
CA ASN B 108 -4.81 6.39 -7.85
C ASN B 108 -4.71 7.65 -7.01
N ALA B 109 -5.41 7.66 -5.87
CA ALA B 109 -5.53 8.84 -5.02
C ALA B 109 -4.20 9.39 -4.51
N GLU B 110 -3.32 8.49 -4.06
CA GLU B 110 -2.05 8.89 -3.45
C GLU B 110 -1.13 9.61 -4.44
N GLU B 111 -1.30 9.34 -5.72
CA GLU B 111 -0.46 9.94 -6.76
C GLU B 111 -1.08 11.18 -7.38
N GLU B 112 -2.41 11.20 -7.49
CA GLU B 112 -3.10 12.25 -8.22
C GLU B 112 -3.65 13.39 -7.37
N LEU B 113 -4.11 13.06 -6.15
CA LEU B 113 -4.65 14.07 -5.25
C LEU B 113 -3.53 14.73 -4.45
N VAL B 114 -2.82 15.67 -5.08
CA VAL B 114 -1.68 16.32 -4.45
C VAL B 114 -2.09 17.19 -3.25
N GLN B 115 -2.98 18.14 -3.50
CA GLN B 115 -3.40 19.08 -2.45
C GLN B 115 -4.21 18.39 -1.36
N GLU B 116 -3.90 18.73 -0.11
CA GLU B 116 -4.56 18.15 1.05
C GLU B 116 -6.05 18.45 1.08
N ILE B 117 -6.42 19.66 0.65
CA ILE B 117 -7.83 20.04 0.58
C ILE B 117 -8.61 19.11 -0.35
N THR B 118 -7.99 18.74 -1.47
CA THR B 118 -8.60 17.79 -2.41
C THR B 118 -8.79 16.44 -1.74
N GLN B 119 -7.72 15.97 -1.10
CA GLN B 119 -7.72 14.70 -0.39
C GLN B 119 -8.85 14.64 0.64
N HIS B 120 -9.00 15.70 1.41
CA HIS B 120 -10.01 15.75 2.46
C HIS B 120 -11.43 15.65 1.90
N LEU B 121 -11.65 16.26 0.74
CA LEU B 121 -12.96 16.27 0.12
C LEU B 121 -13.38 14.89 -0.38
N PHE B 122 -12.47 14.22 -1.08
CA PHE B 122 -12.72 12.86 -1.54
C PHE B 122 -12.97 11.95 -0.35
N PHE B 123 -12.14 12.09 0.68
CA PHE B 123 -12.28 11.31 1.91
C PHE B 123 -13.69 11.43 2.49
N LEU B 124 -14.18 12.66 2.57
CA LEU B 124 -15.51 12.93 3.11
C LEU B 124 -16.62 12.33 2.25
N GLN B 125 -16.50 12.50 0.93
CA GLN B 125 -17.50 12.02 0.00
C GLN B 125 -17.53 10.49 -0.05
N VAL B 126 -16.34 9.88 -0.16
CA VAL B 126 -16.22 8.44 -0.22
C VAL B 126 -16.67 7.75 1.07
N LYS B 127 -16.25 8.28 2.20
CA LYS B 127 -16.63 7.75 3.51
C LYS B 127 -18.15 7.71 3.65
N LYS B 128 -18.81 8.79 3.25
CA LYS B 128 -20.26 8.89 3.26
C LYS B 128 -20.89 7.77 2.41
N GLN B 129 -20.35 7.58 1.22
CA GLN B 129 -20.84 6.55 0.29
C GLN B 129 -20.80 5.15 0.90
N ILE B 130 -19.71 4.86 1.61
CA ILE B 130 -19.53 3.56 2.26
C ILE B 130 -20.47 3.42 3.46
N LEU B 131 -20.54 4.46 4.28
CA LEU B 131 -21.42 4.46 5.44
C LEU B 131 -22.89 4.41 5.02
N ASP B 132 -23.24 5.13 3.96
CA ASP B 132 -24.61 5.13 3.44
C ASP B 132 -24.83 3.98 2.45
N GLU B 133 -23.84 3.09 2.38
CA GLU B 133 -23.96 1.81 1.68
C GLU B 133 -24.26 1.91 0.18
N LYS B 134 -23.70 2.93 -0.47
CA LYS B 134 -23.77 3.03 -1.93
C LYS B 134 -22.59 2.27 -2.54
N VAL B 135 -21.53 2.12 -1.75
CA VAL B 135 -20.39 1.30 -2.13
C VAL B 135 -20.22 0.19 -1.11
N TYR B 136 -20.48 -1.05 -1.52
CA TYR B 136 -20.42 -2.20 -0.62
C TYR B 136 -19.02 -2.41 -0.02
N CYS B 137 -18.98 -2.68 1.28
CA CYS B 137 -17.72 -2.95 1.96
C CYS B 137 -17.84 -4.22 2.79
N PRO B 138 -16.81 -5.08 2.71
CA PRO B 138 -16.75 -6.32 3.51
C PRO B 138 -16.55 -5.97 4.99
N PRO B 139 -16.81 -6.94 5.90
CA PRO B 139 -16.73 -6.66 7.34
C PRO B 139 -15.38 -6.15 7.81
N GLU B 140 -14.34 -6.95 7.65
CA GLU B 140 -13.00 -6.63 8.16
C GLU B 140 -12.44 -5.32 7.60
N ALA B 141 -12.60 -5.11 6.30
CA ALA B 141 -12.13 -3.88 5.67
C ALA B 141 -12.85 -2.65 6.23
N SER B 142 -14.14 -2.80 6.52
CA SER B 142 -14.93 -1.71 7.10
C SER B 142 -14.38 -1.31 8.47
N VAL B 143 -14.10 -2.32 9.30
CA VAL B 143 -13.55 -2.09 10.64
C VAL B 143 -12.20 -1.38 10.55
N LEU B 144 -11.36 -1.81 9.62
CA LEU B 144 -10.09 -1.16 9.37
C LEU B 144 -10.31 0.27 8.86
N LEU B 145 -11.28 0.41 7.96
CA LEU B 145 -11.66 1.74 7.45
C LEU B 145 -12.13 2.64 8.59
N ALA B 146 -13.00 2.10 9.44
CA ALA B 146 -13.50 2.84 10.59
C ALA B 146 -12.36 3.24 11.52
N SER B 147 -11.36 2.37 11.65
CA SER B 147 -10.22 2.62 12.50
C SER B 147 -9.46 3.88 12.06
N TYR B 148 -9.18 3.97 10.76
CA TYR B 148 -8.46 5.10 10.19
C TYR B 148 -9.26 6.40 10.31
N ALA B 149 -10.59 6.28 10.26
CA ALA B 149 -11.46 7.43 10.41
C ALA B 149 -11.33 8.03 11.81
N VAL B 150 -11.38 7.17 12.83
CA VAL B 150 -11.19 7.59 14.22
C VAL B 150 -9.86 8.32 14.40
N GLN B 151 -8.81 7.74 13.83
CA GLN B 151 -7.46 8.30 13.92
C GLN B 151 -7.37 9.72 13.35
N ALA B 152 -8.01 9.92 12.20
CA ALA B 152 -7.99 11.21 11.52
C ALA B 152 -8.78 12.27 12.29
N LYS B 153 -9.73 11.82 13.10
CA LYS B 153 -10.61 12.74 13.82
C LYS B 153 -10.16 12.95 15.27
N TYR B 154 -9.65 11.88 15.88
CA TYR B 154 -9.34 11.89 17.31
C TYR B 154 -7.84 12.00 17.60
N GLY B 155 -7.04 11.95 16.54
CA GLY B 155 -5.60 11.89 16.71
C GLY B 155 -5.21 10.55 17.32
N ASP B 156 -4.02 10.48 17.91
CA ASP B 156 -3.54 9.24 18.51
C ASP B 156 -4.46 8.69 19.59
N TYR B 157 -4.45 7.38 19.76
CA TYR B 157 -5.25 6.72 20.79
C TYR B 157 -4.65 6.95 22.17
N ASP B 158 -5.51 7.13 23.16
CA ASP B 158 -5.08 7.31 24.53
C ASP B 158 -6.16 6.74 25.45
N PRO B 159 -5.84 5.63 26.15
CA PRO B 159 -6.80 4.92 27.01
C PRO B 159 -7.24 5.81 28.16
N SER B 160 -6.42 6.81 28.48
CA SER B 160 -6.76 7.80 29.49
C SER B 160 -7.87 8.72 28.98
N VAL B 161 -7.69 9.25 27.77
CA VAL B 161 -8.66 10.15 27.17
C VAL B 161 -9.88 9.37 26.66
N HIS B 162 -9.63 8.48 25.69
CA HIS B 162 -10.69 7.69 25.09
C HIS B 162 -10.95 6.42 25.89
N LYS B 163 -12.17 6.27 26.39
CA LYS B 163 -12.50 5.15 27.27
C LYS B 163 -13.69 4.32 26.79
N ARG B 164 -13.92 3.19 27.47
CA ARG B 164 -14.89 2.17 27.05
C ARG B 164 -16.30 2.72 26.79
N GLY B 165 -16.54 3.17 25.56
CA GLY B 165 -17.84 3.68 25.17
C GLY B 165 -17.78 4.97 24.36
N PHE B 166 -16.58 5.52 24.20
CA PHE B 166 -16.40 6.81 23.53
C PHE B 166 -16.74 6.81 22.04
N LEU B 167 -17.16 5.66 21.51
CA LEU B 167 -17.49 5.54 20.09
C LEU B 167 -18.94 5.14 19.86
N ALA B 168 -19.70 4.97 20.94
CA ALA B 168 -21.09 4.54 20.84
C ALA B 168 -21.96 5.53 20.07
N GLN B 169 -21.56 6.80 20.10
CA GLN B 169 -22.30 7.85 19.41
C GLN B 169 -21.59 8.30 18.14
N GLU B 170 -20.84 7.39 17.51
CA GLU B 170 -20.12 7.70 16.28
C GLU B 170 -20.60 6.84 15.11
N GLU B 171 -20.52 7.41 13.91
CA GLU B 171 -20.95 6.71 12.69
C GLU B 171 -19.74 6.08 12.02
N LEU B 172 -19.57 4.78 12.22
CA LEU B 172 -18.33 4.11 11.84
C LEU B 172 -18.52 2.93 10.88
N LEU B 173 -19.50 2.09 11.16
CA LEU B 173 -19.73 0.91 10.34
C LEU B 173 -21.03 1.01 9.56
N PRO B 174 -21.06 0.42 8.35
CA PRO B 174 -22.32 0.31 7.62
C PRO B 174 -23.29 -0.56 8.40
N LYS B 175 -24.59 -0.29 8.30
CA LYS B 175 -25.60 -1.08 9.01
C LYS B 175 -25.55 -2.54 8.58
N ARG B 176 -25.16 -2.77 7.33
CA ARG B 176 -25.02 -4.13 6.80
C ARG B 176 -24.04 -4.97 7.61
N VAL B 177 -22.89 -4.37 7.94
CA VAL B 177 -21.88 -5.04 8.76
C VAL B 177 -22.33 -5.18 10.21
N ILE B 178 -22.85 -4.09 10.78
CA ILE B 178 -23.35 -4.09 12.15
C ILE B 178 -24.43 -5.15 12.35
N ASN B 179 -25.35 -5.25 11.41
CA ASN B 179 -26.44 -6.21 11.47
C ASN B 179 -26.02 -7.63 11.10
N LEU B 180 -24.82 -7.78 10.53
CA LEU B 180 -24.32 -9.08 10.13
C LEU B 180 -24.12 -9.99 11.34
N TYR B 181 -23.86 -9.38 12.49
CA TYR B 181 -23.78 -10.09 13.76
C TYR B 181 -24.34 -9.23 14.87
N GLN B 182 -25.23 -9.79 15.68
CA GLN B 182 -25.92 -9.03 16.74
C GLN B 182 -24.99 -8.64 17.89
N MET B 183 -23.69 -8.74 17.65
CA MET B 183 -22.68 -8.35 18.63
C MET B 183 -22.81 -6.86 19.01
N THR B 184 -22.60 -6.57 20.28
CA THR B 184 -22.81 -5.22 20.82
C THR B 184 -21.96 -4.16 20.12
N PRO B 185 -22.46 -2.91 20.09
CA PRO B 185 -21.70 -1.75 19.59
C PRO B 185 -20.35 -1.63 20.28
N GLU B 186 -20.24 -2.14 21.51
CA GLU B 186 -18.96 -2.18 22.20
C GLU B 186 -18.06 -3.32 21.72
N MET B 187 -18.67 -4.45 21.34
CA MET B 187 -17.92 -5.54 20.74
C MET B 187 -17.32 -5.06 19.41
N TRP B 188 -18.07 -4.20 18.72
CA TRP B 188 -17.56 -3.55 17.53
C TRP B 188 -16.60 -2.43 17.89
N GLU B 189 -16.77 -1.86 19.08
CA GLU B 189 -15.86 -0.82 19.56
C GLU B 189 -14.51 -1.44 19.95
N GLU B 190 -14.55 -2.67 20.44
CA GLU B 190 -13.33 -3.42 20.74
C GLU B 190 -12.51 -3.60 19.47
N ARG B 191 -13.18 -4.02 18.41
CA ARG B 191 -12.52 -4.28 17.12
C ARG B 191 -11.87 -3.04 16.50
N ILE B 192 -12.62 -1.94 16.48
CA ILE B 192 -12.11 -0.68 15.93
C ILE B 192 -10.95 -0.14 16.77
N THR B 193 -11.07 -0.26 18.09
CA THR B 193 -10.04 0.22 19.03
C THR B 193 -8.71 -0.52 18.84
N ALA B 194 -8.80 -1.84 18.65
CA ALA B 194 -7.61 -2.67 18.43
C ALA B 194 -6.81 -2.18 17.22
N TRP B 195 -7.49 -2.01 16.10
CA TRP B 195 -6.88 -1.44 14.91
C TRP B 195 -6.46 0.01 15.16
N TYR B 196 -7.32 0.76 15.86
CA TYR B 196 -7.06 2.17 16.20
C TYR B 196 -5.71 2.32 16.91
N ALA B 197 -5.50 1.51 17.94
CA ALA B 197 -4.30 1.60 18.77
C ALA B 197 -2.99 1.47 17.97
N GLU B 198 -3.08 0.92 16.76
CA GLU B 198 -1.89 0.66 15.95
C GLU B 198 -1.60 1.74 14.90
N HIS B 199 -2.52 2.69 14.75
CA HIS B 199 -2.34 3.77 13.78
C HIS B 199 -1.61 4.98 14.39
N ARG B 200 -1.12 4.82 15.60
CA ARG B 200 -0.49 5.92 16.34
C ARG B 200 0.76 6.44 15.63
N GLY B 201 0.73 7.71 15.24
CA GLY B 201 1.85 8.33 14.56
C GLY B 201 1.47 9.01 13.26
N ARG B 202 0.23 8.81 12.83
CA ARG B 202 -0.24 9.36 11.57
C ARG B 202 -1.12 10.59 11.79
N ALA B 203 -0.92 11.62 10.96
CA ALA B 203 -1.73 12.83 11.05
C ALA B 203 -3.14 12.59 10.53
N ARG B 204 -3.77 13.61 9.96
CA ARG B 204 -5.11 13.45 9.40
C ARG B 204 -5.01 13.08 7.93
N ASP B 205 -4.14 13.78 7.20
CA ASP B 205 -3.95 13.53 5.78
C ASP B 205 -3.27 12.18 5.51
N GLU B 206 -2.67 11.60 6.53
CA GLU B 206 -2.09 10.28 6.43
C GLU B 206 -3.18 9.23 6.65
N ALA B 207 -4.02 9.45 7.65
CA ALA B 207 -5.11 8.54 7.95
C ALA B 207 -6.21 8.61 6.88
N GLU B 208 -6.48 9.82 6.40
CA GLU B 208 -7.48 10.02 5.34
C GLU B 208 -7.05 9.37 4.03
N MET B 209 -5.76 9.41 3.72
CA MET B 209 -5.25 8.80 2.51
C MET B 209 -5.25 7.28 2.62
N GLU B 210 -4.97 6.77 3.82
CA GLU B 210 -5.01 5.33 4.06
C GLU B 210 -6.43 4.79 3.94
N TYR B 211 -7.40 5.65 4.22
CA TYR B 211 -8.81 5.32 4.01
C TYR B 211 -9.06 5.21 2.51
N LEU B 212 -8.67 6.26 1.78
CA LEU B 212 -8.85 6.33 0.33
C LEU B 212 -8.10 5.23 -0.43
N LYS B 213 -7.02 4.71 0.14
CA LYS B 213 -6.25 3.67 -0.52
C LYS B 213 -6.96 2.31 -0.46
N ILE B 214 -7.68 2.06 0.64
CA ILE B 214 -8.50 0.86 0.78
C ILE B 214 -9.76 0.98 -0.06
N ALA B 215 -10.51 2.05 0.17
CA ALA B 215 -11.80 2.28 -0.47
C ALA B 215 -11.73 2.29 -2.00
N GLN B 216 -10.62 2.77 -2.55
CA GLN B 216 -10.46 2.89 -4.00
C GLN B 216 -10.24 1.52 -4.67
N ASP B 217 -10.15 0.48 -3.85
CA ASP B 217 -10.02 -0.88 -4.37
C ASP B 217 -11.29 -1.69 -4.14
N LEU B 218 -12.31 -1.03 -3.60
CA LEU B 218 -13.64 -1.64 -3.52
C LEU B 218 -14.22 -1.68 -4.92
N GLU B 219 -14.95 -2.74 -5.24
CA GLU B 219 -15.45 -2.97 -6.59
C GLU B 219 -16.44 -1.92 -7.10
N MET B 220 -17.16 -1.27 -6.19
CA MET B 220 -18.19 -0.30 -6.58
C MET B 220 -17.71 1.15 -6.44
N TYR B 221 -16.42 1.32 -6.15
CA TYR B 221 -15.84 2.65 -5.97
C TYR B 221 -15.71 3.40 -7.30
N GLY B 222 -15.97 4.70 -7.27
CA GLY B 222 -15.80 5.56 -8.44
C GLY B 222 -16.60 5.19 -9.66
N VAL B 223 -17.65 4.40 -9.48
CA VAL B 223 -18.45 3.92 -10.62
C VAL B 223 -19.85 4.54 -10.63
N ASN B 224 -20.16 5.27 -11.70
CA ASN B 224 -21.50 5.82 -11.88
C ASN B 224 -22.42 4.76 -12.49
N TYR B 225 -23.51 4.45 -11.77
CA TYR B 225 -24.42 3.39 -12.20
C TYR B 225 -25.65 3.95 -12.92
N PHE B 226 -26.03 3.29 -14.02
CA PHE B 226 -27.22 3.67 -14.77
C PHE B 226 -27.98 2.44 -15.25
N THR B 227 -29.31 2.48 -15.11
CA THR B 227 -30.16 1.39 -15.56
C THR B 227 -30.35 1.44 -17.07
N ILE B 228 -30.04 0.33 -17.74
CA ILE B 228 -30.15 0.25 -19.19
C ILE B 228 -30.79 -1.05 -19.62
N ARG B 229 -31.18 -1.13 -20.89
CA ARG B 229 -31.63 -2.38 -21.49
C ARG B 229 -31.06 -2.48 -22.90
N ASN B 230 -30.73 -3.70 -23.32
CA ASN B 230 -30.28 -3.93 -24.68
C ASN B 230 -31.46 -4.17 -25.62
N LYS B 231 -31.17 -4.58 -26.85
CA LYS B 231 -32.21 -4.78 -27.87
C LYS B 231 -33.03 -6.05 -27.63
N LYS B 232 -32.52 -6.94 -26.77
CA LYS B 232 -33.23 -8.16 -26.43
C LYS B 232 -34.34 -7.89 -25.43
N GLY B 233 -34.25 -6.76 -24.75
CA GLY B 233 -35.25 -6.37 -23.76
C GLY B 233 -34.82 -6.69 -22.34
N THR B 234 -33.61 -7.21 -22.19
CA THR B 234 -33.10 -7.59 -20.88
C THR B 234 -32.68 -6.36 -20.09
N GLU B 235 -33.17 -6.26 -18.85
CA GLU B 235 -32.79 -5.14 -17.98
C GLU B 235 -31.38 -5.31 -17.46
N LEU B 236 -30.52 -4.34 -17.75
CA LEU B 236 -29.13 -4.37 -17.29
C LEU B 236 -28.76 -3.08 -16.59
N LEU B 237 -27.51 -2.98 -16.17
CA LEU B 237 -27.01 -1.76 -15.54
C LEU B 237 -25.73 -1.27 -16.23
N LEU B 238 -25.69 0.01 -16.56
CA LEU B 238 -24.49 0.62 -17.13
C LEU B 238 -23.61 1.17 -16.02
N GLY B 239 -22.30 0.94 -16.13
CA GLY B 239 -21.36 1.50 -15.19
C GLY B 239 -20.33 2.37 -15.87
N VAL B 240 -20.22 3.62 -15.42
CA VAL B 240 -19.24 4.55 -15.98
C VAL B 240 -18.23 4.97 -14.91
N ASP B 241 -16.96 4.66 -15.14
CA ASP B 241 -15.90 5.04 -14.20
C ASP B 241 -14.68 5.67 -14.89
N ALA B 242 -13.59 5.83 -14.14
CA ALA B 242 -12.36 6.37 -14.69
C ALA B 242 -11.68 5.40 -15.65
N LEU B 243 -12.08 4.13 -15.58
CA LEU B 243 -11.43 3.09 -16.38
C LEU B 243 -12.18 2.77 -17.67
N GLY B 244 -13.48 3.04 -17.72
CA GLY B 244 -14.26 2.79 -18.90
C GLY B 244 -15.73 2.53 -18.65
N LEU B 245 -16.43 2.04 -19.67
CA LEU B 245 -17.85 1.72 -19.55
C LEU B 245 -18.01 0.25 -19.16
N HIS B 246 -19.07 -0.05 -18.41
CA HIS B 246 -19.29 -1.43 -17.94
C HIS B 246 -20.75 -1.85 -18.00
N ILE B 247 -20.98 -3.08 -18.44
CA ILE B 247 -22.32 -3.65 -18.46
C ILE B 247 -22.47 -4.61 -17.27
N TYR B 248 -23.52 -4.44 -16.49
CA TYR B 248 -23.74 -5.25 -15.29
C TYR B 248 -25.04 -6.02 -15.37
N ASP B 249 -25.03 -7.23 -14.79
CA ASP B 249 -26.26 -7.91 -14.43
C ASP B 249 -26.78 -7.21 -13.19
N PRO B 250 -28.09 -6.94 -13.12
CA PRO B 250 -28.68 -6.22 -11.99
C PRO B 250 -28.53 -6.93 -10.64
N GLU B 251 -27.93 -8.12 -10.64
CA GLU B 251 -27.73 -8.88 -9.42
C GLU B 251 -26.33 -8.65 -8.83
N ASN B 252 -25.32 -8.59 -9.69
CA ASN B 252 -23.94 -8.39 -9.25
C ASN B 252 -23.40 -7.02 -9.68
N ARG B 253 -23.36 -6.08 -8.73
CA ARG B 253 -22.81 -4.76 -8.99
C ARG B 253 -21.30 -4.74 -8.75
N LEU B 254 -20.77 -5.86 -8.26
CA LEU B 254 -19.35 -5.98 -7.94
C LEU B 254 -18.55 -6.32 -9.19
N THR B 255 -18.95 -7.40 -9.86
CA THR B 255 -18.25 -7.87 -11.05
C THR B 255 -19.07 -7.61 -12.32
N PRO B 256 -18.51 -6.81 -13.25
CA PRO B 256 -19.15 -6.53 -14.53
C PRO B 256 -19.04 -7.72 -15.48
N LYS B 257 -20.03 -7.90 -16.35
CA LYS B 257 -19.99 -8.99 -17.32
C LYS B 257 -19.21 -8.56 -18.55
N ILE B 258 -19.38 -7.31 -18.96
CA ILE B 258 -18.63 -6.74 -20.07
C ILE B 258 -18.01 -5.39 -19.69
N SER B 259 -16.75 -5.18 -20.07
CA SER B 259 -16.08 -3.90 -19.83
C SER B 259 -15.48 -3.34 -21.11
N PHE B 260 -15.59 -2.03 -21.28
CA PHE B 260 -14.99 -1.36 -22.43
C PHE B 260 -14.01 -0.29 -21.97
N PRO B 261 -12.71 -0.61 -21.98
CA PRO B 261 -11.65 0.36 -21.64
C PRO B 261 -11.70 1.57 -22.57
N TRP B 262 -11.42 2.76 -22.04
CA TRP B 262 -11.53 4.00 -22.81
C TRP B 262 -10.68 4.00 -24.08
N ASN B 263 -9.46 3.48 -23.98
CA ASN B 263 -8.54 3.47 -25.11
C ASN B 263 -8.77 2.31 -26.09
N GLU B 264 -9.75 1.46 -25.77
CA GLU B 264 -10.15 0.39 -26.67
C GLU B 264 -11.49 0.69 -27.34
N ILE B 265 -11.93 1.94 -27.22
CA ILE B 265 -13.18 2.38 -27.83
C ILE B 265 -12.91 3.43 -28.92
N ARG B 266 -13.31 3.11 -30.15
CA ARG B 266 -13.21 4.08 -31.24
C ARG B 266 -14.10 5.27 -30.97
N ASN B 267 -15.40 5.01 -30.82
CA ASN B 267 -16.36 6.06 -30.51
C ASN B 267 -17.63 5.54 -29.85
N ILE B 268 -18.40 6.46 -29.27
CA ILE B 268 -19.72 6.15 -28.72
C ILE B 268 -20.76 7.07 -29.35
N SER B 269 -21.88 6.52 -29.77
CA SER B 269 -22.89 7.31 -30.46
C SER B 269 -24.23 7.33 -29.72
N TYR B 270 -25.06 8.33 -30.01
CA TYR B 270 -26.38 8.43 -29.42
C TYR B 270 -27.37 9.20 -30.30
N SER B 271 -28.58 8.65 -30.40
CA SER B 271 -29.69 9.34 -31.05
C SER B 271 -30.99 8.64 -30.66
N ASP B 272 -31.91 9.38 -30.05
CA ASP B 272 -33.21 8.86 -29.66
C ASP B 272 -33.10 7.60 -28.80
N LYS B 273 -32.64 7.77 -27.56
CA LYS B 273 -32.63 6.72 -26.54
C LYS B 273 -31.62 5.58 -26.73
N GLU B 274 -30.99 5.50 -27.90
CA GLU B 274 -30.09 4.39 -28.21
C GLU B 274 -28.62 4.77 -28.15
N PHE B 275 -27.86 4.04 -27.33
CA PHE B 275 -26.41 4.22 -27.27
C PHE B 275 -25.71 3.18 -28.14
N THR B 276 -24.48 3.48 -28.53
CA THR B 276 -23.71 2.57 -29.37
C THR B 276 -22.21 2.71 -29.07
N ILE B 277 -21.62 1.64 -28.57
CA ILE B 277 -20.19 1.63 -28.27
C ILE B 277 -19.43 0.89 -29.37
N LYS B 278 -18.76 1.64 -30.23
CA LYS B 278 -17.95 1.03 -31.28
C LYS B 278 -16.49 0.89 -30.84
N PRO B 279 -16.05 -0.35 -30.60
CA PRO B 279 -14.66 -0.63 -30.17
C PRO B 279 -13.65 -0.31 -31.26
N LEU B 280 -12.42 0.00 -30.87
CA LEU B 280 -11.35 0.24 -31.83
C LEU B 280 -10.96 -1.08 -32.48
N ASP B 281 -11.01 -2.15 -31.70
CA ASP B 281 -10.81 -3.49 -32.22
C ASP B 281 -12.03 -3.88 -33.05
N LYS B 282 -11.86 -3.86 -34.37
CA LYS B 282 -12.94 -4.12 -35.32
C LYS B 282 -13.47 -5.54 -35.23
N LYS B 283 -12.64 -6.44 -34.70
CA LYS B 283 -13.03 -7.83 -34.48
C LYS B 283 -13.99 -7.96 -33.31
N ILE B 284 -13.96 -6.98 -32.40
CA ILE B 284 -14.83 -7.00 -31.23
C ILE B 284 -16.23 -6.48 -31.55
N ASP B 285 -17.23 -7.30 -31.24
CA ASP B 285 -18.62 -6.96 -31.51
C ASP B 285 -19.05 -5.69 -30.77
N VAL B 286 -19.84 -4.86 -31.43
CA VAL B 286 -20.32 -3.62 -30.83
C VAL B 286 -21.41 -3.91 -29.81
N PHE B 287 -21.69 -2.93 -28.96
CA PHE B 287 -22.76 -3.06 -27.98
C PHE B 287 -23.71 -1.87 -28.09
N LYS B 288 -24.95 -2.15 -28.46
CA LYS B 288 -26.00 -1.13 -28.46
C LYS B 288 -26.91 -1.35 -27.25
N PHE B 289 -27.45 -0.26 -26.72
CA PHE B 289 -28.46 -0.37 -25.67
C PHE B 289 -29.37 0.85 -25.62
N ASN B 290 -30.59 0.65 -25.14
CA ASN B 290 -31.56 1.73 -25.06
C ASN B 290 -31.70 2.30 -23.65
N SER B 291 -31.52 3.61 -23.54
CA SER B 291 -31.67 4.30 -22.26
C SER B 291 -32.88 5.24 -22.31
N SER B 292 -33.76 5.11 -21.32
CA SER B 292 -35.03 5.82 -21.30
C SER B 292 -34.89 7.35 -21.16
N LYS B 293 -34.60 7.80 -19.95
CA LYS B 293 -34.60 9.24 -19.64
C LYS B 293 -33.47 10.01 -20.34
N LEU B 294 -33.77 11.25 -20.72
CA LEU B 294 -32.81 12.09 -21.45
C LEU B 294 -31.78 12.75 -20.54
N ARG B 295 -32.23 13.22 -19.37
CA ARG B 295 -31.33 13.88 -18.42
C ARG B 295 -30.20 12.93 -17.98
N VAL B 296 -30.53 11.65 -17.92
CA VAL B 296 -29.55 10.62 -17.61
C VAL B 296 -28.50 10.51 -18.72
N ASN B 297 -28.96 10.50 -19.96
CA ASN B 297 -28.07 10.32 -21.11
C ASN B 297 -27.07 11.46 -21.31
N LYS B 298 -27.54 12.69 -21.14
CA LYS B 298 -26.65 13.85 -21.20
C LYS B 298 -25.74 13.88 -19.98
N LEU B 299 -26.17 13.24 -18.91
CA LEU B 299 -25.31 13.02 -17.75
C LEU B 299 -24.28 11.96 -18.09
N ILE B 300 -24.75 10.85 -18.65
CA ILE B 300 -23.88 9.75 -19.08
C ILE B 300 -22.80 10.22 -20.07
N LEU B 301 -23.24 10.97 -21.08
CA LEU B 301 -22.33 11.47 -22.12
C LEU B 301 -21.25 12.42 -21.58
N GLN B 302 -21.64 13.30 -20.65
CA GLN B 302 -20.68 14.16 -19.97
C GLN B 302 -19.66 13.33 -19.22
N LEU B 303 -20.15 12.34 -18.47
CA LEU B 303 -19.29 11.42 -17.73
C LEU B 303 -18.33 10.69 -18.65
N CYS B 304 -18.80 10.32 -19.83
CA CYS B 304 -17.95 9.66 -20.82
C CYS B 304 -16.83 10.56 -21.32
N ILE B 305 -17.19 11.78 -21.72
CA ILE B 305 -16.21 12.76 -22.21
C ILE B 305 -15.14 13.06 -21.17
N GLY B 306 -15.58 13.43 -19.97
CA GLY B 306 -14.67 13.76 -18.89
C GLY B 306 -13.77 12.61 -18.49
N ASN B 307 -14.36 11.43 -18.28
CA ASN B 307 -13.59 10.25 -17.94
C ASN B 307 -12.62 9.83 -19.05
N HIS B 308 -13.02 10.03 -20.30
CA HIS B 308 -12.15 9.70 -21.43
C HIS B 308 -10.95 10.64 -21.50
N ASP B 309 -11.20 11.93 -21.28
CA ASP B 309 -10.14 12.92 -21.35
C ASP B 309 -9.13 12.71 -20.22
N LEU B 310 -9.64 12.50 -19.02
CA LEU B 310 -8.79 12.30 -17.85
C LEU B 310 -7.95 11.03 -17.98
N PHE B 311 -8.49 10.00 -18.62
CA PHE B 311 -7.78 8.74 -18.81
C PHE B 311 -6.58 8.92 -19.74
N MET B 312 -6.79 9.61 -20.86
CA MET B 312 -5.75 9.78 -21.86
C MET B 312 -4.65 10.74 -21.38
N ARG B 313 -5.05 11.76 -20.63
CA ARG B 313 -4.10 12.74 -20.10
C ARG B 313 -3.15 12.13 -19.07
N ARG B 314 -3.54 10.99 -18.51
CA ARG B 314 -2.70 10.28 -17.54
C ARG B 314 -1.54 9.55 -18.21
N ARG B 315 -1.52 9.57 -19.54
CA ARG B 315 -0.47 8.89 -20.30
C ARG B 315 0.48 9.85 -21.00
N LYS B 316 -0.07 10.82 -21.72
CA LYS B 316 0.70 11.75 -22.53
C LYS B 316 1.81 12.44 -21.74
N GLU C 40 27.37 7.34 -6.73
CA GLU C 40 26.71 6.10 -6.33
C GLU C 40 27.73 5.10 -5.78
N GLU C 41 28.90 5.59 -5.42
CA GLU C 41 30.02 4.70 -5.13
C GLU C 41 30.72 4.93 -3.78
N VAL C 42 31.62 4.01 -3.45
CA VAL C 42 32.35 4.02 -2.19
C VAL C 42 33.82 3.75 -2.48
N GLU C 43 34.71 4.15 -1.56
CA GLU C 43 36.12 3.77 -1.64
C GLU C 43 36.65 3.39 -0.26
N LEU C 44 36.95 2.10 -0.08
CA LEU C 44 37.59 1.63 1.16
C LEU C 44 39.10 1.78 1.05
N ILE C 45 39.71 2.29 2.11
CA ILE C 45 41.15 2.60 2.08
C ILE C 45 41.81 2.33 3.44
N LEU C 46 42.98 1.69 3.41
CA LEU C 46 43.79 1.50 4.61
C LEU C 46 44.35 2.84 5.12
N GLY C 47 44.01 3.17 6.37
CA GLY C 47 44.54 4.36 7.02
C GLY C 47 44.28 5.67 6.29
N ASP C 60 43.27 -0.14 10.65
CA ASP C 60 43.24 1.27 10.28
C ASP C 60 42.65 1.46 8.87
N ILE C 61 41.33 1.53 8.80
CA ILE C 61 40.67 1.71 7.51
C ILE C 61 39.65 2.86 7.51
N ILE C 62 39.53 3.52 6.36
CA ILE C 62 38.61 4.63 6.21
C ILE C 62 37.65 4.39 5.05
N LEU C 63 36.35 4.54 5.32
CA LEU C 63 35.32 4.31 4.31
C LEU C 63 34.78 5.62 3.78
N SER C 64 35.34 6.11 2.69
CA SER C 64 34.87 7.35 2.07
C SER C 64 33.53 7.13 1.38
N LEU C 65 32.52 7.90 1.79
CA LEU C 65 31.18 7.79 1.20
C LEU C 65 30.86 9.02 0.34
N ASN C 66 30.40 8.78 -0.88
CA ASN C 66 29.95 9.86 -1.75
C ASN C 66 28.46 9.72 -2.07
N ASP D 60 -29.13 13.55 -31.99
CA ASP D 60 -28.21 12.67 -32.72
C ASP D 60 -26.78 13.18 -32.66
N ILE D 61 -25.95 12.50 -31.87
CA ILE D 61 -24.56 12.90 -31.69
C ILE D 61 -23.60 11.71 -31.68
N ILE D 62 -22.46 11.89 -32.34
CA ILE D 62 -21.39 10.88 -32.36
C ILE D 62 -20.20 11.42 -31.56
N LEU D 63 -19.57 10.55 -30.78
CA LEU D 63 -18.49 10.98 -29.88
C LEU D 63 -17.19 10.23 -30.17
N SER D 64 -16.35 10.81 -31.02
CA SER D 64 -15.08 10.19 -31.39
C SER D 64 -14.05 10.24 -30.26
N LEU D 65 -13.37 9.12 -30.05
CA LEU D 65 -12.42 8.98 -28.96
C LEU D 65 -11.08 8.45 -29.46
N ASN D 66 -10.02 9.24 -29.29
CA ASN D 66 -8.68 8.84 -29.72
C ASN D 66 -7.74 8.58 -28.55
#